data_1Z7U
#
_entry.id   1Z7U
#
_cell.length_a   63.754
_cell.length_b   63.754
_cell.length_c   139.271
_cell.angle_alpha   90.00
_cell.angle_beta   90.00
_cell.angle_gamma   90.00
#
_symmetry.space_group_name_H-M   'P 41 21 2'
#
loop_
_entity.id
_entity.type
_entity.pdbx_description
1 polymer 'hypothetical protein EF0647'
2 non-polymer 'FORMIC ACID'
3 water water
#
_entity_poly.entity_id   1
_entity_poly.type   'polypeptide(L)'
_entity_poly.pdbx_seq_one_letter_code
;SNA(MSE)TTDKQTSINLALSTINGKWKLSL(MSE)DELFQGTKRNGEL(MSE)RALDGITQRVLTDRLRE(MSE)EKDG
LVHRESFNELPPRVEYTLTPEGYALYDALSSLCHWGETFAQKKARLNK
;
_entity_poly.pdbx_strand_id   A,B
#
loop_
_chem_comp.id
_chem_comp.type
_chem_comp.name
_chem_comp.formula
FMT non-polymer 'FORMIC ACID' 'C H2 O2'
#
# COMPACT_ATOMS: atom_id res chain seq x y z
N SER A 1 4.21 4.53 -10.59
CA SER A 1 4.27 5.85 -11.26
C SER A 1 2.96 6.05 -11.98
N ASN A 2 2.18 4.99 -12.02
CA ASN A 2 0.99 4.91 -12.87
C ASN A 2 1.29 4.97 -14.37
N ALA A 3 2.54 4.70 -14.76
CA ALA A 3 2.87 4.53 -16.18
C ALA A 3 1.98 3.42 -16.74
N MSE A 4 1.41 3.64 -17.91
CA MSE A 4 0.46 2.69 -18.51
C MSE A 4 1.09 1.32 -18.81
O MSE A 4 0.38 0.31 -18.93
CB MSE A 4 -0.17 3.26 -19.77
CG MSE A 4 0.84 3.70 -20.83
SE MSE A 4 -0.03 4.54 -22.43
CE MSE A 4 -0.78 2.90 -23.26
N THR A 5 2.41 1.31 -18.92
CA THR A 5 3.17 0.09 -19.24
C THR A 5 3.54 -0.73 -18.00
N THR A 6 3.18 -0.24 -16.81
CA THR A 6 3.51 -0.91 -15.57
C THR A 6 2.32 -1.71 -15.05
N ASP A 7 2.53 -3.01 -14.83
CA ASP A 7 1.51 -3.82 -14.17
C ASP A 7 1.40 -3.48 -12.68
N LYS A 8 0.28 -2.91 -12.29
CA LYS A 8 0.08 -2.41 -10.93
C LYS A 8 0.11 -3.49 -9.83
N GLN A 9 -0.56 -4.62 -10.06
N GLN A 9 -0.56 -4.62 -10.07
CA GLN A 9 -0.64 -5.69 -9.09
CA GLN A 9 -0.64 -5.68 -9.07
C GLN A 9 0.74 -6.28 -8.79
C GLN A 9 0.73 -6.30 -8.79
N THR A 10 1.46 -6.65 -9.85
CA THR A 10 2.83 -7.17 -9.74
C THR A 10 3.73 -6.23 -8.96
N SER A 11 3.67 -4.93 -9.25
CA SER A 11 4.55 -4.01 -8.54
C SER A 11 4.09 -3.58 -7.15
N ILE A 12 2.77 -3.55 -6.90
CA ILE A 12 2.30 -3.51 -5.51
C ILE A 12 2.81 -4.70 -4.70
N ASN A 13 2.63 -5.93 -5.21
CA ASN A 13 3.10 -7.13 -4.56
C ASN A 13 4.60 -7.13 -4.27
N LEU A 14 5.40 -6.71 -5.24
CA LEU A 14 6.85 -6.66 -5.11
C LEU A 14 7.27 -5.68 -4.03
N ALA A 15 6.62 -4.52 -4.02
CA ALA A 15 6.85 -3.50 -2.99
C ALA A 15 6.53 -4.03 -1.58
N LEU A 16 5.37 -4.68 -1.42
CA LEU A 16 4.96 -5.21 -0.11
C LEU A 16 5.89 -6.31 0.40
N SER A 17 6.39 -7.14 -0.52
CA SER A 17 7.29 -8.24 -0.19
C SER A 17 8.60 -7.75 0.43
N THR A 18 9.00 -6.51 0.18
CA THR A 18 10.19 -5.93 0.83
C THR A 18 9.94 -5.48 2.29
N ILE A 19 8.68 -5.42 2.71
CA ILE A 19 8.34 -4.82 3.99
C ILE A 19 7.32 -5.59 4.85
N ASN A 20 6.85 -6.74 4.36
CA ASN A 20 5.77 -7.46 5.04
C ASN A 20 6.26 -8.53 6.01
N GLY A 21 7.54 -8.86 5.90
CA GLY A 21 8.21 -9.81 6.80
C GLY A 21 8.16 -9.36 8.26
N LYS A 22 8.23 -10.34 9.17
CA LYS A 22 8.10 -10.07 10.59
C LYS A 22 9.11 -9.01 11.04
N TRP A 23 8.65 -8.08 11.87
CA TRP A 23 9.50 -7.03 12.47
C TRP A 23 9.81 -5.85 11.56
N LYS A 24 9.67 -6.03 10.24
CA LYS A 24 10.20 -5.05 9.29
C LYS A 24 9.52 -3.70 9.39
N LEU A 25 8.20 -3.72 9.54
CA LEU A 25 7.45 -2.49 9.73
C LEU A 25 7.87 -1.77 11.02
N SER A 26 8.02 -2.52 12.10
CA SER A 26 8.52 -1.95 13.37
C SER A 26 9.93 -1.38 13.23
N LEU A 27 10.81 -2.10 12.54
CA LEU A 27 12.16 -1.64 12.24
C LEU A 27 12.18 -0.32 11.51
N MSE A 28 11.35 -0.22 10.47
CA MSE A 28 11.18 0.99 9.69
C MSE A 28 10.67 2.17 10.54
O MSE A 28 11.16 3.30 10.38
CB MSE A 28 10.26 0.72 8.50
CG MSE A 28 9.85 1.95 7.72
SE MSE A 28 8.94 1.54 6.02
CE MSE A 28 10.57 1.14 4.92
N ASP A 29 9.71 1.90 11.43
CA ASP A 29 9.21 2.91 12.39
C ASP A 29 10.34 3.44 13.26
N GLU A 30 11.20 2.55 13.75
CA GLU A 30 12.34 2.95 14.59
C GLU A 30 13.36 3.77 13.82
N LEU A 31 13.64 3.36 12.58
CA LEU A 31 14.60 4.09 11.75
C LEU A 31 14.08 5.42 11.26
N PHE A 32 12.77 5.51 11.03
CA PHE A 32 12.17 6.78 10.66
C PHE A 32 12.38 7.87 11.71
N GLN A 33 12.32 7.56 13.00
N GLN A 33 12.35 7.46 12.98
CA GLN A 33 12.57 8.60 14.00
CA GLN A 33 12.60 8.33 14.14
C GLN A 33 14.01 9.14 13.97
C GLN A 33 14.10 8.52 14.43
N GLY A 34 14.92 8.36 13.39
CA GLY A 34 16.35 8.70 13.41
C GLY A 34 17.31 7.53 13.37
N THR A 35 18.58 7.84 13.10
CA THR A 35 19.67 6.86 13.07
C THR A 35 19.69 5.98 14.33
N LYS A 36 19.96 4.69 14.16
CA LYS A 36 19.89 3.76 15.27
C LYS A 36 21.05 2.78 15.26
N ARG A 37 21.52 2.43 16.46
N ARG A 37 21.52 2.43 16.46
CA ARG A 37 22.51 1.38 16.64
CA ARG A 37 22.51 1.38 16.65
C ARG A 37 21.79 0.08 16.97
C ARG A 37 21.79 0.08 16.98
N ASN A 38 22.47 -1.04 16.77
CA ASN A 38 21.92 -2.36 17.02
C ASN A 38 21.28 -2.52 18.41
N GLY A 39 22.00 -2.06 19.44
CA GLY A 39 21.52 -2.15 20.82
C GLY A 39 20.25 -1.37 21.09
N GLU A 40 20.14 -0.18 20.51
CA GLU A 40 18.90 0.61 20.58
C GLU A 40 17.68 -0.15 20.01
N LEU A 41 17.88 -0.79 18.86
CA LEU A 41 16.84 -1.61 18.22
C LEU A 41 16.52 -2.85 19.04
N MSE A 42 17.55 -3.47 19.62
CA MSE A 42 17.38 -4.60 20.54
C MSE A 42 16.49 -4.21 21.71
O MSE A 42 15.61 -4.97 22.10
CB MSE A 42 18.73 -5.10 21.05
CG MSE A 42 19.51 -5.97 20.07
SE MSE A 42 18.57 -7.63 19.57
CE MSE A 42 18.47 -8.54 21.33
N ARG A 43 16.73 -3.02 22.25
CA ARG A 43 15.96 -2.51 23.40
C ARG A 43 14.53 -2.10 23.03
N ALA A 44 14.40 -1.34 21.94
CA ALA A 44 13.11 -0.82 21.49
C ALA A 44 12.13 -1.90 21.03
N LEU A 45 12.66 -2.98 20.47
CA LEU A 45 11.81 -4.02 19.91
C LEU A 45 11.79 -5.23 20.83
N ASP A 46 10.74 -5.29 21.64
CA ASP A 46 10.64 -6.28 22.71
C ASP A 46 10.43 -7.70 22.20
N GLY A 47 11.39 -8.57 22.51
CA GLY A 47 11.27 -9.99 22.19
C GLY A 47 11.92 -10.41 20.89
N ILE A 48 12.54 -9.46 20.19
CA ILE A 48 13.34 -9.77 19.02
C ILE A 48 14.71 -10.25 19.48
N THR A 49 15.19 -11.31 18.84
CA THR A 49 16.52 -11.83 19.12
C THR A 49 17.50 -11.19 18.14
N GLN A 50 18.78 -11.21 18.49
CA GLN A 50 19.82 -10.64 17.64
C GLN A 50 19.90 -11.31 16.28
N ARG A 51 19.62 -12.61 16.26
CA ARG A 51 19.62 -13.40 15.03
C ARG A 51 18.51 -12.90 14.08
N VAL A 52 17.31 -12.75 14.63
CA VAL A 52 16.18 -12.20 13.86
C VAL A 52 16.44 -10.76 13.40
N LEU A 53 16.94 -9.91 14.30
CA LEU A 53 17.29 -8.52 13.98
C LEU A 53 18.26 -8.36 12.81
N THR A 54 19.43 -8.99 12.90
CA THR A 54 20.42 -8.85 11.82
C THR A 54 19.87 -9.39 10.50
N ASP A 55 19.13 -10.50 10.58
CA ASP A 55 18.46 -11.08 9.41
C ASP A 55 17.57 -10.06 8.70
N ARG A 56 16.66 -9.44 9.47
CA ARG A 56 15.80 -8.36 8.97
C ARG A 56 16.56 -7.24 8.32
N LEU A 57 17.59 -6.73 9.02
CA LEU A 57 18.37 -5.59 8.53
C LEU A 57 19.17 -5.92 7.27
N ARG A 58 19.60 -7.16 7.18
CA ARG A 58 20.32 -7.66 6.01
C ARG A 58 19.40 -7.65 4.81
N GLU A 59 18.18 -8.18 4.97
CA GLU A 59 17.19 -8.20 3.89
C GLU A 59 16.81 -6.79 3.45
N MSE A 60 16.61 -5.92 4.43
CA MSE A 60 16.21 -4.54 4.16
C MSE A 60 17.31 -3.71 3.51
O MSE A 60 17.03 -2.89 2.65
CB MSE A 60 15.69 -3.86 5.42
CG MSE A 60 14.45 -4.49 5.99
SE MSE A 60 14.02 -3.72 7.72
CE MSE A 60 13.13 -2.00 7.07
N GLU A 61 18.56 -3.95 3.92
CA GLU A 61 19.72 -3.34 3.24
C GLU A 61 19.83 -3.84 1.78
N LYS A 62 19.63 -5.14 1.60
CA LYS A 62 19.66 -5.79 0.28
C LYS A 62 18.63 -5.17 -0.67
N ASP A 63 17.42 -4.98 -0.15
CA ASP A 63 16.29 -4.47 -0.90
C ASP A 63 16.38 -2.98 -1.16
N GLY A 64 17.32 -2.30 -0.48
CA GLY A 64 17.58 -0.88 -0.71
C GLY A 64 16.80 0.05 0.21
N LEU A 65 16.34 -0.46 1.35
CA LEU A 65 15.49 0.33 2.24
C LEU A 65 16.28 0.90 3.41
N VAL A 66 17.35 0.20 3.78
CA VAL A 66 18.15 0.53 4.96
C VAL A 66 19.61 0.73 4.54
N HIS A 67 20.22 1.79 5.05
CA HIS A 67 21.64 2.05 4.88
C HIS A 67 22.37 1.65 6.16
N ARG A 68 23.48 0.93 6.00
CA ARG A 68 24.35 0.57 7.10
C ARG A 68 25.69 1.29 6.95
N GLU A 69 26.02 2.14 7.92
CA GLU A 69 27.30 2.86 7.90
C GLU A 69 28.17 2.45 9.07
N SER A 70 29.40 2.05 8.76
CA SER A 70 30.37 1.72 9.81
C SER A 70 31.28 2.92 10.04
N PHE A 71 31.47 3.29 11.30
CA PHE A 71 32.38 4.37 11.62
C PHE A 71 33.70 3.78 12.15
N ASN A 72 34.83 4.14 11.53
N ASN A 72 34.79 4.20 11.53
CA ASN A 72 36.14 3.64 11.98
CA ASN A 72 36.15 3.89 11.96
C ASN A 72 36.61 4.31 13.29
C ASN A 72 36.47 4.56 13.30
N GLU A 73 35.88 4.04 14.38
CA GLU A 73 36.13 4.58 15.72
C GLU A 73 36.74 3.55 16.67
N LEU A 74 36.93 3.96 17.92
CA LEU A 74 37.52 3.12 18.94
C LEU A 74 36.55 2.89 20.12
N PRO A 75 35.73 1.81 20.05
CA PRO A 75 35.63 0.80 18.99
C PRO A 75 34.68 1.23 17.86
N PRO A 76 34.68 0.49 16.72
CA PRO A 76 33.82 0.88 15.61
C PRO A 76 32.34 0.98 16.02
N ARG A 77 31.63 1.87 15.35
CA ARG A 77 30.24 2.11 15.64
C ARG A 77 29.49 1.99 14.32
N VAL A 78 28.36 1.27 14.35
CA VAL A 78 27.58 0.98 13.14
C VAL A 78 26.20 1.64 13.26
N GLU A 79 25.86 2.50 12.32
N GLU A 79 25.89 2.53 12.32
CA GLU A 79 24.58 3.21 12.35
CA GLU A 79 24.61 3.25 12.25
C GLU A 79 23.65 2.84 11.19
C GLU A 79 23.69 2.67 11.18
N TYR A 80 22.42 2.48 11.54
CA TYR A 80 21.37 2.15 10.57
C TYR A 80 20.41 3.32 10.33
N THR A 81 20.11 3.58 9.07
CA THR A 81 19.16 4.61 8.67
C THR A 81 18.28 4.09 7.53
N LEU A 82 17.20 4.82 7.23
CA LEU A 82 16.42 4.57 6.02
C LEU A 82 17.10 5.23 4.83
N THR A 83 17.11 4.56 3.69
CA THR A 83 17.53 5.18 2.44
C THR A 83 16.46 6.18 1.95
N PRO A 84 16.76 6.98 0.91
CA PRO A 84 15.70 7.75 0.25
C PRO A 84 14.49 6.91 -0.19
N GLU A 85 14.71 5.74 -0.79
CA GLU A 85 13.61 4.82 -1.10
C GLU A 85 12.95 4.27 0.15
N GLY A 86 13.73 4.12 1.23
CA GLY A 86 13.21 3.73 2.54
C GLY A 86 12.20 4.73 3.06
N TYR A 87 12.58 6.00 3.06
CA TYR A 87 11.68 7.10 3.39
C TYR A 87 10.45 7.18 2.47
N ALA A 88 10.65 6.97 1.17
CA ALA A 88 9.54 6.99 0.22
C ALA A 88 8.52 5.89 0.52
N LEU A 89 9.00 4.68 0.87
CA LEU A 89 8.08 3.56 1.20
C LEU A 89 7.39 3.81 2.53
N TYR A 90 8.14 4.35 3.49
CA TYR A 90 7.54 4.79 4.75
C TYR A 90 6.33 5.69 4.50
N ASP A 91 6.48 6.67 3.61
CA ASP A 91 5.40 7.61 3.25
C ASP A 91 4.20 6.97 2.56
N ALA A 92 4.46 6.04 1.64
CA ALA A 92 3.40 5.26 0.97
C ALA A 92 2.63 4.42 1.97
N LEU A 93 3.35 3.78 2.89
CA LEU A 93 2.71 2.98 3.94
C LEU A 93 1.91 3.82 4.94
N SER A 94 2.42 5.02 5.26
CA SER A 94 1.69 5.95 6.15
C SER A 94 0.40 6.43 5.53
N SER A 95 0.40 6.66 4.22
CA SER A 95 -0.82 7.01 3.48
C SER A 95 -1.89 5.92 3.53
N LEU A 96 -1.49 4.67 3.31
CA LEU A 96 -2.37 3.51 3.48
C LEU A 96 -2.85 3.36 4.92
N CYS A 97 -1.93 3.54 5.84
CA CYS A 97 -2.27 3.50 7.24
C CYS A 97 -3.37 4.53 7.52
N HIS A 98 -3.20 5.74 7.01
CA HIS A 98 -4.12 6.84 7.22
C HIS A 98 -5.48 6.49 6.60
N TRP A 99 -5.47 5.96 5.38
CA TRP A 99 -6.68 5.44 4.79
C TRP A 99 -7.41 4.40 5.67
N GLY A 100 -6.70 3.37 6.10
CA GLY A 100 -7.32 2.31 6.91
C GLY A 100 -7.84 2.77 8.26
N GLU A 101 -7.22 3.79 8.83
CA GLU A 101 -7.64 4.40 10.07
C GLU A 101 -8.98 5.11 9.88
N THR A 102 -9.07 5.94 8.84
CA THR A 102 -10.30 6.64 8.52
C THR A 102 -11.45 5.67 8.26
N PHE A 103 -11.19 4.68 7.41
CA PHE A 103 -12.16 3.65 7.06
C PHE A 103 -12.64 2.85 8.27
N ALA A 104 -11.71 2.39 9.11
CA ALA A 104 -12.10 1.63 10.31
C ALA A 104 -12.96 2.43 11.27
N GLN A 105 -12.69 3.71 11.37
CA GLN A 105 -13.48 4.60 12.22
C GLN A 105 -14.89 4.85 11.69
N LYS A 106 -15.03 4.95 10.37
CA LYS A 106 -16.33 5.02 9.73
C LYS A 106 -17.15 3.77 10.03
N LYS A 107 -16.51 2.60 9.91
CA LYS A 107 -17.17 1.31 10.17
C LYS A 107 -17.66 1.21 11.59
N ALA A 108 -16.85 1.65 12.54
CA ALA A 108 -17.21 1.62 13.96
C ALA A 108 -18.40 2.55 14.22
N ARG A 109 -18.36 3.74 13.63
N ARG A 109 -18.34 3.76 13.65
CA ARG A 109 -19.39 4.76 13.79
CA ARG A 109 -19.38 4.77 13.76
C ARG A 109 -20.75 4.32 13.23
C ARG A 109 -20.74 4.27 13.26
N LEU A 110 -20.74 3.65 12.08
CA LEU A 110 -21.98 3.24 11.40
C LEU A 110 -22.47 1.83 11.77
N ASN A 111 -21.70 1.12 12.58
CA ASN A 111 -22.07 -0.22 13.03
C ASN A 111 -22.92 -0.18 14.31
N SER B 1 -2.43 8.28 10.09
CA SER B 1 -2.01 9.64 10.47
C SER B 1 -0.78 9.53 11.34
N ASN B 2 -0.41 8.29 11.65
CA ASN B 2 0.65 8.01 12.62
C ASN B 2 0.40 8.57 14.02
N ALA B 3 -0.89 8.74 14.37
CA ALA B 3 -1.28 9.06 15.75
C ALA B 3 -0.84 7.96 16.71
N MSE B 4 -0.59 8.34 17.97
CA MSE B 4 -0.11 7.45 19.02
C MSE B 4 -0.97 6.21 19.23
O MSE B 4 -0.49 5.17 19.67
CB MSE B 4 -0.01 8.21 20.35
CG MSE B 4 1.05 9.33 20.38
SE MSE B 4 0.97 10.42 22.06
CE MSE B 4 -0.66 11.54 21.71
N THR B 5 -2.27 6.33 18.92
CA THR B 5 -3.26 5.33 19.28
C THR B 5 -3.61 4.36 18.14
N THR B 6 -3.04 4.56 16.96
CA THR B 6 -3.37 3.74 15.80
C THR B 6 -2.31 2.67 15.62
N ASP B 7 -2.75 1.43 15.44
N ASP B 7 -2.73 1.43 15.43
CA ASP B 7 -1.86 0.35 15.01
CA ASP B 7 -1.75 0.41 15.08
C ASP B 7 -1.76 0.38 13.50
C ASP B 7 -1.69 0.25 13.55
N LYS B 8 -0.54 0.65 13.03
CA LYS B 8 -0.27 0.79 11.62
C LYS B 8 -0.44 -0.52 10.85
N GLN B 9 0.06 -1.62 11.40
CA GLN B 9 -0.06 -2.93 10.76
C GLN B 9 -1.52 -3.27 10.46
N THR B 10 -2.38 -3.15 11.49
CA THR B 10 -3.82 -3.39 11.32
C THR B 10 -4.41 -2.42 10.31
N SER B 11 -4.01 -1.14 10.34
CA SER B 11 -4.57 -0.16 9.40
C SER B 11 -4.19 -0.43 7.97
N ILE B 12 -2.94 -0.84 7.75
CA ILE B 12 -2.46 -1.20 6.42
C ILE B 12 -3.18 -2.45 5.90
N ASN B 13 -3.28 -3.48 6.72
CA ASN B 13 -3.99 -4.68 6.31
C ASN B 13 -5.46 -4.40 5.96
N LEU B 14 -6.11 -3.50 6.71
CA LEU B 14 -7.51 -3.15 6.44
C LEU B 14 -7.66 -2.46 5.08
N ALA B 15 -6.78 -1.52 4.79
CA ALA B 15 -6.81 -0.85 3.50
C ALA B 15 -6.62 -1.87 2.38
N LEU B 16 -5.62 -2.74 2.50
CA LEU B 16 -5.35 -3.74 1.46
C LEU B 16 -6.51 -4.72 1.27
N SER B 17 -7.23 -5.06 2.34
CA SER B 17 -8.35 -6.00 2.28
C SER B 17 -9.50 -5.50 1.42
N THR B 18 -9.67 -4.18 1.35
CA THR B 18 -10.75 -3.58 0.57
C THR B 18 -10.52 -3.69 -0.94
N ILE B 19 -9.27 -3.82 -1.37
CA ILE B 19 -8.99 -3.97 -2.80
C ILE B 19 -8.32 -5.27 -3.22
N ASN B 20 -8.11 -6.20 -2.29
N ASN B 20 -8.11 -6.18 -2.25
CA ASN B 20 -7.45 -7.45 -2.64
CA ASN B 20 -7.50 -7.48 -2.51
C ASN B 20 -8.40 -8.41 -3.38
C ASN B 20 -8.39 -8.39 -3.35
N GLY B 21 -9.70 -8.21 -3.21
CA GLY B 21 -10.68 -8.96 -4.00
C GLY B 21 -10.35 -8.91 -5.47
N LYS B 22 -10.38 -10.08 -6.13
CA LYS B 22 -10.11 -10.21 -7.56
C LYS B 22 -10.92 -9.16 -8.36
N TRP B 23 -10.24 -8.58 -9.34
CA TRP B 23 -10.79 -7.53 -10.24
C TRP B 23 -10.76 -6.09 -9.70
N LYS B 24 -10.77 -5.92 -8.38
CA LYS B 24 -10.93 -4.59 -7.75
C LYS B 24 -9.85 -3.57 -8.12
N LEU B 25 -8.58 -3.97 -8.18
CA LEU B 25 -7.54 -3.04 -8.61
C LEU B 25 -7.80 -2.60 -10.03
N SER B 26 -8.15 -3.55 -10.88
CA SER B 26 -8.47 -3.22 -12.27
C SER B 26 -9.70 -2.33 -12.40
N LEU B 27 -10.76 -2.60 -11.63
CA LEU B 27 -11.95 -1.73 -11.63
C LEU B 27 -11.57 -0.29 -11.24
N MSE B 28 -10.88 -0.16 -10.11
CA MSE B 28 -10.43 1.12 -9.61
C MSE B 28 -9.60 1.87 -10.66
O MSE B 28 -9.78 3.07 -10.83
CB MSE B 28 -9.67 0.92 -8.31
CG MSE B 28 -9.07 2.16 -7.75
SE MSE B 28 -8.33 1.80 -5.97
CE MSE B 28 -9.91 2.34 -4.93
N ASP B 29 -8.73 1.16 -11.38
CA ASP B 29 -7.99 1.75 -12.49
C ASP B 29 -8.87 2.24 -13.64
N GLU B 30 -9.92 1.49 -13.99
CA GLU B 30 -10.86 1.89 -15.06
C GLU B 30 -11.67 3.10 -14.65
N LEU B 31 -11.93 3.24 -13.36
CA LEU B 31 -12.76 4.33 -12.87
C LEU B 31 -12.01 5.65 -12.64
N PHE B 32 -10.68 5.60 -12.59
CA PHE B 32 -9.85 6.78 -12.28
C PHE B 32 -10.14 8.02 -13.15
N GLN B 33 -10.08 7.88 -14.47
CA GLN B 33 -10.31 9.02 -15.38
C GLN B 33 -11.73 9.60 -15.34
N GLY B 34 -12.67 8.79 -14.88
CA GLY B 34 -14.00 9.30 -14.56
C GLY B 34 -15.08 8.30 -14.85
N THR B 35 -16.26 8.82 -15.17
CA THR B 35 -17.46 8.01 -15.22
C THR B 35 -17.43 6.85 -16.21
N LYS B 36 -17.88 5.69 -15.73
CA LYS B 36 -17.98 4.50 -16.54
C LYS B 36 -19.34 3.82 -16.44
N ARG B 37 -19.85 3.37 -17.58
N ARG B 37 -19.83 3.37 -17.58
N ARG B 37 -19.84 3.38 -17.59
CA ARG B 37 -21.09 2.60 -17.64
CA ARG B 37 -21.07 2.59 -17.65
CA ARG B 37 -21.06 2.59 -17.67
C ARG B 37 -20.72 1.13 -17.55
C ARG B 37 -20.71 1.12 -17.56
C ARG B 37 -20.71 1.11 -17.53
N ASN B 38 -21.68 0.30 -17.17
CA ASN B 38 -21.47 -1.14 -17.01
C ASN B 38 -20.85 -1.87 -18.23
N GLY B 39 -21.32 -1.51 -19.42
CA GLY B 39 -20.81 -2.08 -20.68
C GLY B 39 -19.37 -1.74 -20.96
N GLU B 40 -18.97 -0.50 -20.73
CA GLU B 40 -17.58 -0.08 -20.84
C GLU B 40 -16.67 -0.89 -19.90
N LEU B 41 -17.06 -1.06 -18.65
CA LEU B 41 -16.27 -1.84 -17.68
C LEU B 41 -16.14 -3.32 -18.10
N MSE B 42 -17.25 -3.86 -18.56
CA MSE B 42 -17.33 -5.22 -19.06
C MSE B 42 -16.36 -5.48 -20.21
O MSE B 42 -15.70 -6.54 -20.26
CB MSE B 42 -18.76 -5.45 -19.51
CG MSE B 42 -19.21 -6.86 -19.45
SE MSE B 42 -19.48 -7.63 -17.66
CE MSE B 42 -19.75 -9.44 -18.44
N ARG B 43 -16.25 -4.52 -21.12
CA ARG B 43 -15.42 -4.64 -22.31
C ARG B 43 -13.95 -4.41 -22.00
N ALA B 44 -13.69 -3.65 -20.92
CA ALA B 44 -12.33 -3.27 -20.56
C ALA B 44 -11.63 -4.36 -19.75
N LEU B 45 -12.42 -5.21 -19.09
CA LEU B 45 -11.89 -6.27 -18.25
C LEU B 45 -12.23 -7.63 -18.84
N ASP B 46 -11.28 -8.18 -19.60
N ASP B 46 -11.28 -8.18 -19.60
CA ASP B 46 -11.41 -9.46 -20.29
CA ASP B 46 -11.50 -9.41 -20.37
C ASP B 46 -11.68 -10.60 -19.33
C ASP B 46 -11.62 -10.67 -19.51
N GLY B 47 -12.80 -11.29 -19.55
CA GLY B 47 -13.10 -12.48 -18.77
C GLY B 47 -13.98 -12.26 -17.55
N ILE B 48 -14.27 -10.99 -17.23
CA ILE B 48 -15.17 -10.73 -16.13
C ILE B 48 -16.61 -11.03 -16.58
N THR B 49 -17.36 -11.74 -15.75
CA THR B 49 -18.76 -11.99 -16.05
C THR B 49 -19.60 -10.87 -15.43
N GLN B 50 -20.80 -10.67 -15.95
CA GLN B 50 -21.68 -9.63 -15.44
C GLN B 50 -21.91 -9.84 -13.95
N ARG B 51 -22.13 -11.10 -13.57
CA ARG B 51 -22.31 -11.47 -12.17
C ARG B 51 -21.19 -10.94 -11.27
N VAL B 52 -19.93 -11.20 -11.60
CA VAL B 52 -18.85 -10.82 -10.67
C VAL B 52 -18.48 -9.34 -10.78
N LEU B 53 -18.72 -8.76 -11.94
CA LEU B 53 -18.63 -7.32 -12.10
C LEU B 53 -19.58 -6.62 -11.13
N THR B 54 -20.83 -7.08 -11.09
CA THR B 54 -21.83 -6.50 -10.20
C THR B 54 -21.50 -6.77 -8.72
N ASP B 55 -21.02 -7.97 -8.42
N ASP B 55 -21.01 -7.96 -8.42
CA ASP B 55 -20.59 -8.32 -7.06
CA ASP B 55 -20.60 -8.30 -7.05
C ASP B 55 -19.46 -7.40 -6.55
C ASP B 55 -19.44 -7.42 -6.54
N ARG B 56 -18.42 -7.20 -7.36
CA ARG B 56 -17.29 -6.32 -7.00
C ARG B 56 -17.73 -4.89 -6.78
N LEU B 57 -18.38 -4.32 -7.79
CA LEU B 57 -18.89 -2.96 -7.72
C LEU B 57 -19.74 -2.74 -6.47
N ARG B 58 -20.58 -3.73 -6.13
N ARG B 58 -20.59 -3.72 -6.13
CA ARG B 58 -21.41 -3.64 -4.92
CA ARG B 58 -21.40 -3.65 -4.92
C ARG B 58 -20.58 -3.62 -3.63
C ARG B 58 -20.52 -3.57 -3.68
N GLU B 59 -19.58 -4.50 -3.55
CA GLU B 59 -18.63 -4.49 -2.42
C GLU B 59 -17.81 -3.20 -2.32
N MSE B 60 -17.35 -2.68 -3.45
CA MSE B 60 -16.60 -1.41 -3.48
C MSE B 60 -17.47 -0.22 -3.11
O MSE B 60 -17.00 0.71 -2.46
CB MSE B 60 -15.96 -1.21 -4.84
CG MSE B 60 -14.92 -2.24 -5.15
SE MSE B 60 -14.32 -2.16 -7.00
CE MSE B 60 -12.93 -0.61 -6.81
N GLU B 61 -18.74 -0.26 -3.52
CA GLU B 61 -19.72 0.73 -3.07
C GLU B 61 -19.99 0.68 -1.55
N LYS B 62 -20.18 -0.53 -1.01
N LYS B 62 -20.19 -0.52 -1.01
CA LYS B 62 -20.39 -0.70 0.42
CA LYS B 62 -20.38 -0.70 0.43
C LYS B 62 -19.17 -0.22 1.23
C LYS B 62 -19.17 -0.17 1.22
N ASP B 63 -17.97 -0.45 0.69
CA ASP B 63 -16.73 0.01 1.32
C ASP B 63 -16.42 1.49 1.09
N GLY B 64 -17.38 2.21 0.47
CA GLY B 64 -17.25 3.64 0.16
C GLY B 64 -16.20 4.04 -0.86
N LEU B 65 -15.79 3.09 -1.73
CA LEU B 65 -14.76 3.37 -2.72
C LEU B 65 -15.38 3.84 -4.05
N VAL B 66 -16.61 3.39 -4.31
CA VAL B 66 -17.26 3.61 -5.59
C VAL B 66 -18.61 4.30 -5.37
N HIS B 67 -18.90 5.29 -6.20
CA HIS B 67 -20.21 5.92 -6.20
C HIS B 67 -21.05 5.38 -7.37
N ARG B 68 -22.29 4.97 -7.07
CA ARG B 68 -23.24 4.52 -8.08
C ARG B 68 -24.31 5.56 -8.30
N GLU B 69 -24.32 6.15 -9.49
CA GLU B 69 -25.25 7.21 -9.79
C GLU B 69 -26.31 6.74 -10.77
N SER B 70 -27.57 6.85 -10.37
CA SER B 70 -28.71 6.53 -11.19
C SER B 70 -29.29 7.76 -11.89
N PHE B 71 -29.34 7.71 -13.22
CA PHE B 71 -29.91 8.78 -14.04
C PHE B 71 -31.32 8.40 -14.47
N ASN B 72 -32.29 9.27 -14.18
CA ASN B 72 -33.72 8.91 -14.33
C ASN B 72 -34.31 9.20 -15.73
N GLU B 73 -33.42 9.26 -16.72
CA GLU B 73 -33.76 9.64 -18.07
C GLU B 73 -34.30 8.49 -18.91
N LEU B 74 -34.35 8.68 -20.22
CA LEU B 74 -35.05 7.74 -21.12
C LEU B 74 -34.07 6.97 -22.01
N PRO B 75 -33.72 5.72 -21.64
CA PRO B 75 -34.10 4.97 -20.44
C PRO B 75 -33.15 5.25 -19.28
N PRO B 76 -33.50 4.80 -18.06
CA PRO B 76 -32.62 5.02 -16.91
C PRO B 76 -31.24 4.41 -17.12
N ARG B 77 -30.20 5.09 -16.65
CA ARG B 77 -28.84 4.54 -16.74
C ARG B 77 -27.99 4.77 -15.50
N VAL B 78 -27.15 3.78 -15.18
CA VAL B 78 -26.29 3.84 -14.01
C VAL B 78 -24.85 4.14 -14.44
N GLU B 79 -24.20 5.01 -13.67
CA GLU B 79 -22.81 5.37 -13.93
C GLU B 79 -21.96 5.18 -12.68
N TYR B 80 -20.75 4.67 -12.89
CA TYR B 80 -19.83 4.40 -11.78
C TYR B 80 -18.65 5.35 -11.79
N THR B 81 -18.32 5.84 -10.60
CA THR B 81 -17.13 6.65 -10.39
C THR B 81 -16.47 6.29 -9.05
N LEU B 82 -15.23 6.73 -8.89
CA LEU B 82 -14.56 6.65 -7.59
C LEU B 82 -15.03 7.80 -6.70
N THR B 83 -15.21 7.52 -5.41
CA THR B 83 -15.48 8.55 -4.42
C THR B 83 -14.17 9.29 -4.04
N PRO B 84 -14.26 10.40 -3.27
CA PRO B 84 -13.01 10.98 -2.71
C PRO B 84 -12.12 9.98 -1.90
N GLU B 85 -12.76 9.07 -1.17
N GLU B 85 -12.71 9.05 -1.15
CA GLU B 85 -12.09 8.01 -0.42
CA GLU B 85 -11.90 8.06 -0.45
C GLU B 85 -11.42 7.02 -1.38
C GLU B 85 -11.41 6.92 -1.35
N GLY B 86 -12.14 6.67 -2.44
CA GLY B 86 -11.65 5.80 -3.50
C GLY B 86 -10.41 6.37 -4.14
N TYR B 87 -10.44 7.66 -4.47
CA TYR B 87 -9.27 8.38 -4.98
C TYR B 87 -8.11 8.45 -3.99
N ALA B 88 -8.42 8.59 -2.70
CA ALA B 88 -7.39 8.62 -1.67
C ALA B 88 -6.67 7.28 -1.58
N LEU B 89 -7.41 6.17 -1.62
CA LEU B 89 -6.83 4.84 -1.61
C LEU B 89 -6.06 4.55 -2.89
N TYR B 90 -6.60 4.96 -4.03
CA TYR B 90 -5.89 4.87 -5.30
C TYR B 90 -4.51 5.60 -5.29
N ASP B 91 -4.47 6.81 -4.73
N ASP B 91 -4.45 6.81 -4.72
CA ASP B 91 -3.24 7.59 -4.60
CA ASP B 91 -3.18 7.54 -4.65
C ASP B 91 -2.20 6.83 -3.76
C ASP B 91 -2.17 6.84 -3.74
N ALA B 92 -2.65 6.27 -2.64
CA ALA B 92 -1.81 5.54 -1.72
C ALA B 92 -1.28 4.24 -2.33
N LEU B 93 -2.12 3.52 -3.07
CA LEU B 93 -1.66 2.36 -3.80
C LEU B 93 -0.71 2.72 -4.94
N SER B 94 -0.92 3.87 -5.59
CA SER B 94 0.01 4.33 -6.63
C SER B 94 1.43 4.57 -6.14
N SER B 95 1.55 5.10 -4.93
CA SER B 95 2.83 5.37 -4.30
C SER B 95 3.56 4.07 -3.98
N LEU B 96 2.80 3.10 -3.48
CA LEU B 96 3.28 1.74 -3.26
C LEU B 96 3.72 1.10 -4.59
N CYS B 97 2.85 1.16 -5.59
CA CYS B 97 3.12 0.68 -6.94
C CYS B 97 4.41 1.27 -7.55
N HIS B 98 4.58 2.59 -7.39
CA HIS B 98 5.74 3.30 -7.93
C HIS B 98 7.03 2.72 -7.36
N TRP B 99 6.96 2.42 -6.07
CA TRP B 99 8.06 1.87 -5.34
C TRP B 99 8.43 0.48 -5.88
N GLY B 100 7.43 -0.38 -6.10
CA GLY B 100 7.71 -1.71 -6.66
C GLY B 100 8.30 -1.63 -8.05
N GLU B 101 7.85 -0.64 -8.80
CA GLU B 101 8.33 -0.38 -10.15
C GLU B 101 9.83 -0.02 -10.18
N THR B 102 10.23 0.93 -9.35
CA THR B 102 11.62 1.36 -9.19
C THR B 102 12.50 0.17 -8.78
N PHE B 103 11.97 -0.65 -7.89
CA PHE B 103 12.64 -1.82 -7.36
C PHE B 103 12.89 -2.86 -8.45
N ALA B 104 11.83 -3.23 -9.20
CA ALA B 104 11.96 -4.14 -10.33
C ALA B 104 12.92 -3.65 -11.42
N GLN B 105 12.90 -2.34 -11.69
CA GLN B 105 13.79 -1.72 -12.70
C GLN B 105 15.26 -1.80 -12.30
N LYS B 106 15.55 -1.42 -11.05
CA LYS B 106 16.89 -1.55 -10.46
C LYS B 106 17.38 -3.00 -10.56
N LYS B 107 16.51 -3.96 -10.19
N LYS B 107 16.52 -3.96 -10.20
CA LYS B 107 16.81 -5.38 -10.28
CA LYS B 107 16.82 -5.38 -10.29
C LYS B 107 17.09 -5.82 -11.72
C LYS B 107 17.07 -5.85 -11.72
N ALA B 108 16.33 -5.26 -12.67
CA ALA B 108 16.47 -5.57 -14.09
C ALA B 108 17.80 -5.13 -14.69
N ARG B 109 18.33 -3.98 -14.27
N ARG B 109 18.31 -3.98 -14.22
CA ARG B 109 19.58 -3.46 -14.83
CA ARG B 109 19.55 -3.36 -14.72
C ARG B 109 20.79 -4.32 -14.44
C ARG B 109 20.82 -3.83 -13.99
N LEU B 110 20.71 -4.96 -13.27
CA LEU B 110 21.85 -5.64 -12.66
C LEU B 110 22.20 -6.95 -13.36
C FMT C . 12.71 -10.50 0.09
O1 FMT C . 12.43 -9.87 -0.99
O2 FMT C . 13.18 -9.79 1.06
#